data_6ZWA
#
_entry.id   6ZWA
#
_cell.length_a   151.863
_cell.length_b   60.536
_cell.length_c   53.855
_cell.angle_alpha   90.000
_cell.angle_beta   107.880
_cell.angle_gamma   90.000
#
_symmetry.space_group_name_H-M   'C 1 2 1'
#
loop_
_entity.id
_entity.type
_entity.pdbx_description
1 polymer 'MHC class II alpha chain'
2 polymer 'Invariant chain isoform p41,MHC class II beta chain 2'
3 non-polymer DI(HYDROXYETHYL)ETHER
4 water water
#
loop_
_entity_poly.entity_id
_entity_poly.type
_entity_poly.pdbx_seq_one_letter_code
_entity_poly.pdbx_strand_id
1 'polypeptide(L)'
;RRHVLLQAEFYQRSEGPDKAWAQFGFHFDADELFHVELDAAQTVWRLPEFGRFASFEAQGALQNMAVGKQNLEVMISNSN
RSQQDFVTPELALFPAEAVSLEEPNVLICYADKFWPPVATMEWRRNGAVVSEGVYDSVYYGRPDLLFRKFSYLPFVPQRG
DVYSCAVRHWGAEGPVQRMWEPE
;
A
2 'polypeptide(L)'
;PANKMSMSTMNMPMAMKVGGGGSGGGGSGGGGSSAFFFCGAISECHYLNGTERVRYLQRYIYNRQQYAHFDSDVGKFVAD
SPLGEPQAEYWNSNAELLENRMNEVDRFCRHNYGGVESFTVQRSVEPKVRVSALQSGSLPETDRLACYVTGFYPPEIEVK
WFLNGREETERVVSTDVMQNGDWTYQVLVVLETVPRRGDSYVCRVEHASLRQPISQAWE
;
B
#
loop_
_chem_comp.id
_chem_comp.type
_chem_comp.name
_chem_comp.formula
PEG non-polymer DI(HYDROXYETHYL)ETHER 'C4 H10 O3'
#
# COMPACT_ATOMS: atom_id res chain seq x y z
N ARG A 1 17.42 7.45 -4.70
CA ARG A 1 18.31 6.35 -4.24
C ARG A 1 17.70 5.01 -4.65
N ARG A 2 16.54 4.64 -4.10
CA ARG A 2 15.95 3.29 -4.31
C ARG A 2 14.43 3.37 -4.55
N HIS A 3 13.95 2.62 -5.54
CA HIS A 3 12.50 2.53 -5.87
C HIS A 3 12.14 1.06 -6.16
N VAL A 4 10.91 0.67 -5.83
CA VAL A 4 10.34 -0.65 -6.19
C VAL A 4 9.04 -0.47 -6.98
N LEU A 5 8.97 -1.03 -8.17
CA LEU A 5 7.69 -1.16 -8.92
C LEU A 5 7.30 -2.64 -8.85
N LEU A 6 6.08 -2.96 -8.38
CA LEU A 6 5.56 -4.35 -8.19
C LEU A 6 4.30 -4.50 -9.08
N GLN A 7 4.16 -5.65 -9.73
CA GLN A 7 2.87 -6.18 -10.25
C GLN A 7 2.46 -7.26 -9.26
N ALA A 8 1.33 -7.09 -8.59
CA ALA A 8 0.92 -8.00 -7.51
C ALA A 8 -0.45 -8.55 -7.86
N GLU A 9 -0.58 -9.87 -7.90
CA GLU A 9 -1.87 -10.44 -8.30
C GLU A 9 -2.15 -11.60 -7.38
N PHE A 10 -3.40 -11.82 -7.06
CA PHE A 10 -3.78 -13.00 -6.25
C PHE A 10 -5.15 -13.51 -6.66
N TYR A 11 -5.35 -14.79 -6.36
CA TYR A 11 -6.54 -15.59 -6.71
C TYR A 11 -6.88 -16.43 -5.50
N GLN A 12 -8.07 -16.29 -4.95
CA GLN A 12 -8.39 -16.96 -3.69
C GLN A 12 -9.82 -17.47 -3.77
N ARG A 13 -10.12 -18.50 -3.00
CA ARG A 13 -11.52 -18.98 -2.91
C ARG A 13 -11.78 -19.56 -1.53
N SER A 14 -13.03 -19.45 -1.12
CA SER A 14 -13.58 -20.05 0.12
C SER A 14 -14.46 -21.24 -0.26
N GLU A 15 -14.60 -22.19 0.66
CA GLU A 15 -15.67 -23.23 0.61
C GLU A 15 -16.47 -23.06 1.92
N GLY A 16 -17.79 -23.18 1.86
CA GLY A 16 -18.67 -23.08 3.05
C GLY A 16 -18.73 -21.75 3.80
N PRO A 17 -19.09 -20.63 3.15
CA PRO A 17 -19.66 -20.64 1.80
C PRO A 17 -18.63 -20.63 0.66
N ASP A 18 -19.08 -21.01 -0.54
CA ASP A 18 -18.28 -21.00 -1.80
C ASP A 18 -18.24 -19.58 -2.36
N LYS A 19 -17.05 -19.01 -2.50
CA LYS A 19 -16.87 -17.68 -3.14
C LYS A 19 -15.44 -17.60 -3.68
N ALA A 20 -15.23 -16.83 -4.74
CA ALA A 20 -13.91 -16.63 -5.36
C ALA A 20 -13.64 -15.13 -5.51
N TRP A 21 -12.36 -14.74 -5.45
CA TRP A 21 -11.90 -13.35 -5.61
C TRP A 21 -10.61 -13.37 -6.38
N ALA A 22 -10.32 -12.25 -6.99
CA ALA A 22 -9.07 -12.09 -7.75
C ALA A 22 -8.71 -10.62 -7.72
N GLN A 23 -7.43 -10.34 -7.78
CA GLN A 23 -6.99 -8.94 -7.85
C GLN A 23 -5.75 -8.86 -8.72
N PHE A 24 -5.65 -7.80 -9.51
CA PHE A 24 -4.45 -7.59 -10.32
C PHE A 24 -4.14 -6.09 -10.22
N GLY A 25 -2.93 -5.77 -9.79
CA GLY A 25 -2.59 -4.34 -9.62
C GLY A 25 -1.11 -4.05 -9.73
N PHE A 26 -0.79 -2.79 -9.96
CA PHE A 26 0.62 -2.36 -9.99
C PHE A 26 0.83 -1.37 -8.84
N HIS A 27 1.99 -1.47 -8.20
CA HIS A 27 2.30 -0.62 -7.03
C HIS A 27 3.67 0.02 -7.19
N PHE A 28 3.83 1.23 -6.68
CA PHE A 28 5.15 1.91 -6.70
C PHE A 28 5.44 2.32 -5.26
N ASP A 29 6.57 1.87 -4.73
CA ASP A 29 6.87 2.12 -3.30
C ASP A 29 5.64 1.67 -2.51
N ALA A 30 5.22 2.43 -1.50
CA ALA A 30 4.05 1.85 -0.78
C ALA A 30 2.68 2.07 -1.50
N ASP A 31 2.60 2.65 -2.70
CA ASP A 31 1.33 3.28 -3.18
C ASP A 31 0.85 2.55 -4.45
N GLU A 32 -0.45 2.62 -4.73
CA GLU A 32 -1.03 1.86 -5.87
C GLU A 32 -1.00 2.74 -7.12
N LEU A 33 -0.48 2.25 -8.25
CA LEU A 33 -0.67 2.91 -9.56
C LEU A 33 -2.05 2.61 -10.14
N PHE A 34 -2.36 1.34 -10.22
CA PHE A 34 -3.68 0.95 -10.76
C PHE A 34 -4.05 -0.47 -10.39
N HIS A 35 -5.32 -0.78 -10.57
CA HIS A 35 -5.78 -2.17 -10.47
C HIS A 35 -6.68 -2.41 -11.70
N VAL A 36 -6.92 -3.65 -12.04
CA VAL A 36 -7.84 -3.94 -13.17
C VAL A 36 -9.17 -4.47 -12.63
N GLU A 37 -10.28 -3.87 -13.06
CA GLU A 37 -11.61 -4.41 -12.70
C GLU A 37 -11.77 -5.61 -13.62
N LEU A 38 -11.61 -6.81 -13.08
CA LEU A 38 -11.59 -8.06 -13.89
C LEU A 38 -12.92 -8.39 -14.56
N ASP A 39 -14.05 -8.07 -13.93
CA ASP A 39 -15.36 -8.27 -14.59
C ASP A 39 -15.49 -7.37 -15.82
N ALA A 40 -15.07 -6.10 -15.72
CA ALA A 40 -15.26 -5.15 -16.83
C ALA A 40 -14.03 -5.01 -17.73
N ALA A 41 -12.90 -5.65 -17.40
CA ALA A 41 -11.65 -5.50 -18.18
C ALA A 41 -11.24 -4.03 -18.31
N GLN A 42 -11.28 -3.29 -17.21
CA GLN A 42 -10.93 -1.85 -17.25
C GLN A 42 -9.77 -1.54 -16.30
N THR A 43 -8.79 -0.79 -16.80
CA THR A 43 -7.68 -0.35 -15.94
C THR A 43 -8.21 0.82 -15.10
N VAL A 44 -8.10 0.71 -13.78
CA VAL A 44 -8.58 1.78 -12.88
C VAL A 44 -7.35 2.41 -12.20
N TRP A 45 -7.01 3.62 -12.63
CA TRP A 45 -5.84 4.33 -12.08
C TRP A 45 -6.21 4.93 -10.72
N ARG A 46 -5.26 4.89 -9.80
CA ARG A 46 -5.50 5.34 -8.41
C ARG A 46 -5.79 6.85 -8.41
N LEU A 47 -5.01 7.60 -9.18
CA LEU A 47 -5.18 9.07 -9.38
C LEU A 47 -5.43 9.30 -10.87
N PRO A 48 -6.41 10.17 -11.23
CA PRO A 48 -6.72 10.42 -12.64
C PRO A 48 -5.53 10.93 -13.44
N GLU A 49 -4.60 11.68 -12.82
CA GLU A 49 -3.39 12.16 -13.56
C GLU A 49 -2.60 10.96 -14.14
N PHE A 50 -2.53 9.80 -13.45
CA PHE A 50 -1.75 8.62 -13.94
C PHE A 50 -2.28 8.17 -15.32
N GLY A 51 -3.59 8.17 -15.48
CA GLY A 51 -4.35 7.74 -16.68
C GLY A 51 -4.17 8.68 -17.85
N ARG A 52 -3.74 9.92 -17.59
CA ARG A 52 -3.39 10.90 -18.65
C ARG A 52 -1.93 10.70 -19.05
N PHE A 53 -1.05 10.33 -18.14
CA PHE A 53 0.40 10.14 -18.41
C PHE A 53 0.64 8.77 -19.05
N ALA A 54 -0.10 7.74 -18.68
CA ALA A 54 0.27 6.36 -19.10
C ALA A 54 -0.98 5.53 -19.40
N SER A 55 -0.77 4.33 -19.93
CA SER A 55 -1.87 3.38 -20.26
C SER A 55 -1.41 1.98 -19.95
N PHE A 56 -2.38 1.10 -19.78
CA PHE A 56 -2.14 -0.34 -19.58
C PHE A 56 -3.28 -1.10 -20.27
N GLU A 57 -2.93 -2.12 -21.04
CA GLU A 57 -3.92 -3.01 -21.71
C GLU A 57 -4.47 -4.02 -20.71
N ALA A 58 -5.68 -3.79 -20.20
CA ALA A 58 -6.30 -4.58 -19.12
C ALA A 58 -6.58 -6.02 -19.60
N GLN A 59 -6.71 -6.23 -20.93
CA GLN A 59 -6.95 -7.63 -21.43
C GLN A 59 -5.82 -8.56 -20.96
N GLY A 60 -4.57 -8.06 -20.92
CA GLY A 60 -3.39 -8.78 -20.39
C GLY A 60 -3.63 -9.34 -18.98
N ALA A 61 -4.23 -8.54 -18.08
CA ALA A 61 -4.57 -8.98 -16.71
C ALA A 61 -5.54 -10.15 -16.76
N LEU A 62 -6.55 -10.10 -17.64
CA LEU A 62 -7.57 -11.19 -17.74
C LEU A 62 -6.85 -12.50 -18.15
N GLN A 63 -5.88 -12.45 -19.06
CA GLN A 63 -5.07 -13.63 -19.45
C GLN A 63 -4.34 -14.14 -18.19
N ASN A 64 -3.72 -13.25 -17.43
CA ASN A 64 -3.05 -13.63 -16.16
C ASN A 64 -4.04 -14.25 -15.19
N MET A 65 -5.30 -13.80 -15.18
CA MET A 65 -6.30 -14.31 -14.19
C MET A 65 -6.61 -15.78 -14.49
N ALA A 66 -6.77 -16.15 -15.76
CA ALA A 66 -7.00 -17.57 -16.13
C ALA A 66 -5.82 -18.41 -15.64
N VAL A 67 -4.59 -17.95 -15.82
CA VAL A 67 -3.35 -18.68 -15.39
C VAL A 67 -3.35 -18.76 -13.87
N GLY A 68 -3.59 -17.63 -13.18
CA GLY A 68 -3.73 -17.51 -11.71
C GLY A 68 -4.70 -18.52 -11.15
N LYS A 69 -5.89 -18.61 -11.72
CA LYS A 69 -6.94 -19.52 -11.18
C LYS A 69 -6.49 -20.98 -11.37
N GLN A 70 -5.82 -21.29 -12.47
CA GLN A 70 -5.38 -22.68 -12.73
C GLN A 70 -4.25 -22.99 -11.73
N ASN A 71 -3.27 -22.08 -11.61
CA ASN A 71 -2.19 -22.18 -10.61
C ASN A 71 -2.81 -22.47 -9.26
N LEU A 72 -3.88 -21.77 -8.89
CA LEU A 72 -4.50 -21.92 -7.56
C LEU A 72 -4.92 -23.39 -7.40
N GLU A 73 -5.63 -23.96 -8.36
CA GLU A 73 -6.14 -25.36 -8.24
C GLU A 73 -4.96 -26.34 -8.15
N VAL A 74 -3.90 -26.13 -8.91
CA VAL A 74 -2.69 -27.02 -8.90
C VAL A 74 -1.98 -26.92 -7.54
N MET A 75 -1.82 -25.71 -7.00
CA MET A 75 -1.15 -25.56 -5.69
C MET A 75 -2.02 -26.05 -4.54
N ILE A 76 -3.35 -25.93 -4.61
CA ILE A 76 -4.26 -26.54 -3.59
C ILE A 76 -3.97 -28.07 -3.55
N SER A 77 -3.85 -28.70 -4.71
CA SER A 77 -3.63 -30.16 -4.83
C SER A 77 -2.22 -30.54 -4.32
N ASN A 78 -1.18 -29.92 -4.88
CA ASN A 78 0.23 -30.16 -4.52
C ASN A 78 0.40 -30.03 -3.01
N SER A 79 -0.42 -29.21 -2.33
CA SER A 79 -0.32 -28.94 -0.89
C SER A 79 -1.24 -29.85 -0.08
N ASN A 80 -1.98 -30.76 -0.71
CA ASN A 80 -3.05 -31.58 -0.04
C ASN A 80 -4.00 -30.68 0.77
N ARG A 81 -4.49 -29.60 0.14
CA ARG A 81 -5.50 -28.69 0.74
C ARG A 81 -5.03 -28.18 2.11
N SER A 82 -3.75 -27.89 2.24
CA SER A 82 -3.25 -27.25 3.48
C SER A 82 -3.76 -25.80 3.51
N GLN A 83 -4.05 -25.36 4.72
CA GLN A 83 -4.75 -24.11 5.04
C GLN A 83 -3.93 -23.43 6.14
N GLN A 84 -4.06 -22.11 6.23
CA GLN A 84 -3.43 -21.30 7.28
C GLN A 84 -4.49 -20.68 8.16
N ASP A 85 -4.15 -20.41 9.41
CA ASP A 85 -4.97 -19.65 10.38
C ASP A 85 -5.15 -18.22 9.82
N PHE A 86 -6.34 -17.67 10.00
CA PHE A 86 -6.68 -16.26 9.66
C PHE A 86 -5.97 -15.33 10.63
N VAL A 87 -5.63 -14.12 10.20
CA VAL A 87 -5.13 -13.05 11.10
C VAL A 87 -6.08 -11.85 11.01
N THR A 88 -6.67 -11.44 12.13
CA THR A 88 -7.69 -10.37 12.15
C THR A 88 -6.99 -9.02 12.08
N PRO A 89 -7.63 -8.01 11.48
CA PRO A 89 -7.01 -6.70 11.28
C PRO A 89 -6.85 -5.84 12.54
N GLU A 90 -5.81 -5.02 12.54
CA GLU A 90 -5.66 -3.81 13.39
C GLU A 90 -6.21 -2.60 12.61
N LEU A 91 -6.95 -1.74 13.30
CA LEU A 91 -7.59 -0.55 12.70
C LEU A 91 -6.95 0.71 13.26
N ALA A 92 -6.68 1.68 12.39
CA ALA A 92 -6.39 3.09 12.76
C ALA A 92 -7.36 4.03 12.02
N LEU A 93 -7.76 5.11 12.67
CA LEU A 93 -8.70 6.12 12.14
C LEU A 93 -8.08 7.49 12.36
N PHE A 94 -7.83 8.26 11.31
CA PHE A 94 -7.14 9.57 11.43
C PHE A 94 -7.58 10.45 10.28
N PRO A 95 -7.61 11.78 10.49
CA PRO A 95 -7.95 12.71 9.42
C PRO A 95 -6.79 12.91 8.45
N ALA A 96 -7.11 13.20 7.19
CA ALA A 96 -6.13 13.55 6.13
C ALA A 96 -5.45 14.87 6.52
N GLU A 97 -6.22 15.85 7.00
CA GLU A 97 -5.71 17.23 7.14
C GLU A 97 -5.98 17.74 8.56
N ALA A 98 -5.33 18.86 8.88
CA ALA A 98 -5.57 19.67 10.09
C ALA A 98 -7.07 19.85 10.26
N VAL A 99 -7.61 19.52 11.43
CA VAL A 99 -9.06 19.68 11.71
C VAL A 99 -9.36 21.15 12.09
N SER A 100 -10.24 21.78 11.33
CA SER A 100 -10.93 23.05 11.65
C SER A 100 -12.45 22.79 11.57
N LEU A 101 -13.19 23.11 12.64
CA LEU A 101 -14.68 23.09 12.65
C LEU A 101 -15.17 23.78 11.37
N GLU A 102 -15.99 23.08 10.59
CA GLU A 102 -16.74 23.57 9.39
C GLU A 102 -15.85 23.54 8.13
N GLU A 103 -14.61 23.10 8.18
CA GLU A 103 -13.74 23.00 6.96
C GLU A 103 -13.80 21.56 6.44
N PRO A 104 -14.32 21.30 5.22
CA PRO A 104 -14.37 19.93 4.69
C PRO A 104 -13.01 19.21 4.86
N ASN A 105 -13.05 17.93 5.22
CA ASN A 105 -11.85 17.12 5.49
C ASN A 105 -12.16 15.68 5.03
N VAL A 106 -11.24 14.76 5.31
CA VAL A 106 -11.38 13.33 4.97
C VAL A 106 -10.92 12.52 6.18
N LEU A 107 -11.76 11.60 6.64
CA LEU A 107 -11.35 10.57 7.65
C LEU A 107 -10.83 9.34 6.91
N ILE A 108 -9.70 8.85 7.36
CA ILE A 108 -9.04 7.66 6.79
C ILE A 108 -9.17 6.56 7.81
N CYS A 109 -9.67 5.44 7.34
CA CYS A 109 -9.68 4.20 8.10
C CYS A 109 -8.69 3.25 7.44
N TYR A 110 -7.70 2.82 8.19
CA TYR A 110 -6.60 1.94 7.73
C TYR A 110 -6.71 0.62 8.47
N ALA A 111 -7.12 -0.45 7.80
CA ALA A 111 -7.10 -1.82 8.34
C ALA A 111 -5.77 -2.46 7.91
N ASP A 112 -5.05 -3.02 8.87
CA ASP A 112 -3.66 -3.50 8.62
C ASP A 112 -3.45 -4.89 9.21
N LYS A 113 -2.49 -5.62 8.66
CA LYS A 113 -1.98 -6.91 9.20
C LYS A 113 -3.08 -7.96 9.24
N PHE A 114 -3.76 -8.20 8.11
CA PHE A 114 -4.82 -9.23 8.11
C PHE A 114 -4.61 -10.15 6.91
N TRP A 115 -5.24 -11.30 7.04
CA TRP A 115 -5.16 -12.38 6.05
C TRP A 115 -6.33 -13.31 6.35
N PRO A 116 -7.08 -13.77 5.32
CA PRO A 116 -6.83 -13.39 3.93
C PRO A 116 -7.34 -12.00 3.56
N PRO A 117 -7.00 -11.49 2.36
CA PRO A 117 -7.42 -10.14 1.91
C PRO A 117 -8.89 -10.11 1.44
N VAL A 118 -9.79 -10.21 2.43
CA VAL A 118 -11.26 -10.15 2.20
C VAL A 118 -11.82 -9.41 3.42
N ALA A 119 -12.07 -8.12 3.28
CA ALA A 119 -12.55 -7.32 4.43
C ALA A 119 -13.40 -6.15 3.93
N THR A 120 -14.49 -5.86 4.62
CA THR A 120 -15.39 -4.77 4.22
C THR A 120 -15.39 -3.69 5.31
N MET A 121 -15.40 -2.43 4.90
CA MET A 121 -15.39 -1.31 5.86
C MET A 121 -16.74 -0.60 5.84
N GLU A 122 -17.28 -0.32 7.02
CA GLU A 122 -18.56 0.42 7.14
C GLU A 122 -18.33 1.65 8.02
N TRP A 123 -18.75 2.82 7.52
CA TRP A 123 -18.57 4.08 8.26
C TRP A 123 -19.84 4.49 9.00
N ARG A 124 -19.69 5.10 10.17
CA ARG A 124 -20.85 5.63 10.90
C ARG A 124 -20.57 7.03 11.44
N ARG A 125 -21.53 7.94 11.36
CA ARG A 125 -21.54 9.27 12.00
C ARG A 125 -22.64 9.26 13.06
N ASN A 126 -22.24 9.43 14.31
CA ASN A 126 -23.17 9.43 15.47
C ASN A 126 -24.01 8.15 15.43
N GLY A 127 -23.38 7.01 15.20
CA GLY A 127 -24.02 5.69 15.19
C GLY A 127 -24.87 5.38 13.96
N ALA A 128 -25.02 6.28 12.98
CA ALA A 128 -25.75 5.98 11.72
C ALA A 128 -24.78 5.75 10.55
N VAL A 129 -25.12 4.78 9.70
CA VAL A 129 -24.31 4.40 8.50
C VAL A 129 -24.24 5.62 7.59
N VAL A 130 -23.05 5.99 7.15
CA VAL A 130 -22.86 7.03 6.11
C VAL A 130 -22.10 6.35 4.97
N SER A 131 -22.52 6.51 3.71
CA SER A 131 -21.76 5.87 2.61
C SER A 131 -21.51 6.86 1.48
N GLU A 132 -22.13 8.03 1.47
CA GLU A 132 -21.98 8.92 0.31
C GLU A 132 -20.53 9.41 0.17
N GLY A 133 -19.94 9.26 -1.01
CA GLY A 133 -18.61 9.84 -1.29
C GLY A 133 -17.48 8.96 -0.71
N VAL A 134 -17.79 7.78 -0.17
CA VAL A 134 -16.78 6.85 0.44
C VAL A 134 -15.94 6.22 -0.69
N TYR A 135 -14.63 6.17 -0.52
CA TYR A 135 -13.72 5.42 -1.43
C TYR A 135 -13.11 4.28 -0.62
N ASP A 136 -13.15 3.07 -1.14
CA ASP A 136 -12.37 1.93 -0.55
C ASP A 136 -11.27 1.49 -1.51
N SER A 137 -10.06 1.26 -0.98
CA SER A 137 -8.90 0.79 -1.79
C SER A 137 -9.06 -0.70 -2.09
N VAL A 138 -8.26 -1.23 -3.03
CA VAL A 138 -7.99 -2.69 -3.06
C VAL A 138 -6.89 -3.08 -2.05
N TYR A 139 -6.67 -4.37 -1.85
CA TYR A 139 -5.75 -4.92 -0.82
C TYR A 139 -4.27 -4.71 -1.18
N TYR A 140 -3.55 -4.02 -0.32
CA TYR A 140 -2.08 -3.77 -0.51
C TYR A 140 -1.28 -4.78 0.31
N GLY A 141 -0.24 -5.30 -0.34
CA GLY A 141 0.61 -6.36 0.22
C GLY A 141 1.51 -5.85 1.35
N ARG A 142 2.05 -6.77 2.13
CA ARG A 142 3.13 -6.49 3.12
C ARG A 142 4.25 -7.52 2.97
N PRO A 143 5.45 -7.19 3.48
CA PRO A 143 6.57 -8.12 3.51
C PRO A 143 6.23 -9.40 4.26
N ASP A 144 5.35 -9.35 5.25
CA ASP A 144 5.00 -10.53 6.09
C ASP A 144 3.85 -11.34 5.48
N LEU A 145 3.48 -11.04 4.22
CA LEU A 145 2.42 -11.70 3.42
C LEU A 145 1.03 -11.48 4.04
N LEU A 146 0.88 -10.51 4.94
CA LEU A 146 -0.45 -10.05 5.42
C LEU A 146 -0.88 -8.87 4.53
N PHE A 147 -2.10 -8.36 4.71
CA PHE A 147 -2.61 -7.30 3.82
C PHE A 147 -3.04 -6.09 4.64
N ARG A 148 -3.27 -5.00 3.91
CA ARG A 148 -3.83 -3.77 4.48
C ARG A 148 -4.78 -3.13 3.45
N LYS A 149 -5.64 -2.23 3.91
CA LYS A 149 -6.70 -1.63 3.07
C LYS A 149 -7.10 -0.29 3.65
N PHE A 150 -7.38 0.65 2.78
CA PHE A 150 -7.74 2.04 3.15
C PHE A 150 -9.21 2.26 2.81
N SER A 151 -9.92 2.97 3.70
CA SER A 151 -11.21 3.58 3.36
C SER A 151 -11.19 5.08 3.68
N TYR A 152 -11.94 5.89 2.91
CA TYR A 152 -11.96 7.37 2.99
C TYR A 152 -13.42 7.85 3.11
N LEU A 153 -13.71 8.66 4.13
CA LEU A 153 -15.03 9.30 4.33
C LEU A 153 -14.88 10.81 4.29
N PRO A 154 -15.43 11.49 3.26
CA PRO A 154 -15.53 12.95 3.27
C PRO A 154 -16.43 13.40 4.42
N PHE A 155 -16.01 14.39 5.17
CA PHE A 155 -16.84 14.87 6.31
C PHE A 155 -16.58 16.34 6.56
N VAL A 156 -17.49 16.93 7.33
CA VAL A 156 -17.37 18.33 7.80
C VAL A 156 -17.31 18.28 9.32
N PRO A 157 -16.17 18.62 9.91
CA PRO A 157 -16.02 18.55 11.37
C PRO A 157 -17.03 19.46 12.08
N GLN A 158 -17.71 18.95 13.10
CA GLN A 158 -18.60 19.74 14.00
C GLN A 158 -18.45 19.24 15.44
N ARG A 159 -18.48 20.15 16.41
CA ARG A 159 -18.43 19.86 17.87
C ARG A 159 -19.46 18.77 18.18
N GLY A 160 -19.03 17.70 18.85
CA GLY A 160 -19.91 16.67 19.39
C GLY A 160 -20.20 15.56 18.38
N ASP A 161 -19.78 15.67 17.11
CA ASP A 161 -19.90 14.51 16.17
C ASP A 161 -18.87 13.45 16.56
N VAL A 162 -19.26 12.18 16.49
CA VAL A 162 -18.38 10.99 16.62
C VAL A 162 -18.51 10.17 15.34
N TYR A 163 -17.39 9.59 14.90
CA TYR A 163 -17.30 8.76 13.69
C TYR A 163 -16.79 7.39 14.13
N SER A 164 -17.16 6.38 13.36
CA SER A 164 -16.69 5.01 13.62
C SER A 164 -16.39 4.32 12.30
N CYS A 165 -15.33 3.53 12.27
CA CYS A 165 -15.04 2.70 11.09
C CYS A 165 -15.06 1.26 11.61
N ALA A 166 -15.85 0.41 10.96
CA ALA A 166 -15.94 -1.01 11.37
C ALA A 166 -15.48 -1.89 10.20
N VAL A 167 -14.65 -2.88 10.50
CA VAL A 167 -14.16 -3.80 9.45
C VAL A 167 -14.70 -5.20 9.69
N ARG A 168 -15.26 -5.80 8.64
CA ARG A 168 -15.73 -7.19 8.72
C ARG A 168 -14.73 -8.04 7.96
N HIS A 169 -13.95 -8.82 8.69
CA HIS A 169 -12.93 -9.71 8.07
C HIS A 169 -13.57 -11.07 7.82
N TRP A 170 -13.25 -11.66 6.68
CA TRP A 170 -13.85 -12.96 6.32
C TRP A 170 -13.69 -13.98 7.45
N GLY A 171 -14.81 -14.51 7.92
CA GLY A 171 -14.80 -15.61 8.91
C GLY A 171 -14.72 -15.14 10.35
N ALA A 172 -14.56 -13.84 10.62
CA ALA A 172 -14.53 -13.31 12.01
C ALA A 172 -15.92 -13.43 12.64
N GLU A 173 -15.97 -13.50 13.97
CA GLU A 173 -17.22 -13.61 14.77
C GLU A 173 -18.10 -12.39 14.53
N GLY A 174 -17.49 -11.20 14.47
CA GLY A 174 -18.18 -9.95 14.12
C GLY A 174 -17.21 -8.86 13.71
N PRO A 175 -17.68 -7.59 13.63
CA PRO A 175 -16.84 -6.48 13.20
C PRO A 175 -15.89 -6.06 14.32
N VAL A 176 -14.73 -5.51 13.96
CA VAL A 176 -13.90 -4.69 14.88
C VAL A 176 -14.04 -3.24 14.41
N GLN A 177 -13.98 -2.31 15.34
CA GLN A 177 -14.30 -0.90 15.03
C GLN A 177 -13.41 -0.02 15.88
N ARG A 178 -13.24 1.20 15.42
CA ARG A 178 -12.52 2.30 16.11
C ARG A 178 -13.39 3.54 15.95
N MET A 179 -13.31 4.44 16.92
CA MET A 179 -14.07 5.70 16.91
C MET A 179 -13.08 6.84 16.80
N TRP A 180 -13.55 7.97 16.35
CA TRP A 180 -12.77 9.21 16.23
C TRP A 180 -13.72 10.35 16.50
N GLU A 181 -13.24 11.41 17.14
CA GLU A 181 -14.00 12.66 17.34
C GLU A 181 -13.01 13.82 17.22
N PRO A 182 -13.46 15.01 16.81
CA PRO A 182 -12.55 16.12 16.54
C PRO A 182 -11.96 16.81 17.78
N GLU A 183 -11.02 17.73 17.55
CA GLU A 183 -10.47 18.70 18.54
C GLU A 183 -10.97 20.10 18.18
N ASN B 3 3.03 6.69 -21.82
CA ASN B 3 3.68 5.45 -22.25
C ASN B 3 2.80 4.24 -21.87
N LYS B 4 2.92 3.15 -22.62
CA LYS B 4 2.14 1.91 -22.46
C LYS B 4 2.92 0.97 -21.54
N MET B 5 2.38 0.69 -20.36
CA MET B 5 3.06 -0.16 -19.36
C MET B 5 2.98 -1.63 -19.80
N SER B 6 4.02 -2.39 -19.54
CA SER B 6 4.09 -3.84 -19.82
C SER B 6 3.83 -4.66 -18.55
N MET B 7 3.38 -5.89 -18.72
CA MET B 7 3.18 -6.80 -17.56
C MET B 7 4.08 -8.03 -17.70
N SER B 8 4.12 -8.80 -16.64
CA SER B 8 4.92 -10.04 -16.55
C SER B 8 3.98 -11.24 -16.42
N THR B 9 4.16 -12.28 -17.23
CA THR B 9 3.39 -13.53 -17.10
C THR B 9 3.85 -14.31 -15.86
N MET B 10 2.97 -15.17 -15.36
CA MET B 10 3.30 -16.11 -14.27
C MET B 10 3.63 -17.44 -14.93
N ASN B 11 4.64 -18.14 -14.40
CA ASN B 11 4.93 -19.56 -14.75
C ASN B 11 3.83 -20.40 -14.11
N MET B 12 3.65 -21.63 -14.57
CA MET B 12 2.56 -22.54 -14.16
C MET B 12 3.21 -23.72 -13.46
N PRO B 13 2.92 -24.00 -12.16
CA PRO B 13 3.54 -25.11 -11.46
C PRO B 13 3.00 -26.46 -11.96
N MET B 14 3.83 -27.51 -11.87
CA MET B 14 3.49 -28.87 -12.35
C MET B 14 2.58 -29.53 -11.32
N ALA B 15 1.54 -30.26 -11.75
CA ALA B 15 0.69 -31.07 -10.85
C ALA B 15 1.49 -32.30 -10.40
N MET B 16 1.50 -32.56 -9.09
CA MET B 16 2.20 -33.68 -8.42
C MET B 16 1.15 -34.75 -8.06
N SER B 33 -18.38 -28.26 5.36
CA SER B 33 -17.16 -27.79 6.08
C SER B 33 -16.52 -26.62 5.30
N SER B 34 -15.89 -25.69 6.02
CA SER B 34 -15.35 -24.42 5.47
C SER B 34 -13.87 -24.54 5.14
N ALA B 35 -13.40 -23.86 4.09
CA ALA B 35 -11.97 -23.85 3.73
C ALA B 35 -11.61 -22.53 3.04
N PHE B 36 -10.33 -22.23 2.94
CA PHE B 36 -9.82 -21.02 2.29
C PHE B 36 -8.49 -21.35 1.65
N PHE B 37 -8.37 -20.99 0.37
CA PHE B 37 -7.16 -21.15 -0.46
C PHE B 37 -6.78 -19.82 -1.14
N PHE B 38 -5.49 -19.56 -1.21
CA PHE B 38 -4.90 -18.33 -1.80
C PHE B 38 -3.65 -18.71 -2.57
N CYS B 39 -3.52 -18.16 -3.75
CA CYS B 39 -2.32 -18.33 -4.61
C CYS B 39 -2.02 -16.99 -5.28
N GLY B 40 -0.78 -16.56 -5.25
CA GLY B 40 -0.46 -15.26 -5.86
C GLY B 40 0.95 -15.18 -6.36
N ALA B 41 1.22 -14.09 -7.04
CA ALA B 41 2.52 -13.85 -7.66
C ALA B 41 2.79 -12.35 -7.59
N ILE B 42 4.02 -12.01 -7.28
CA ILE B 42 4.47 -10.62 -7.23
C ILE B 42 5.70 -10.53 -8.10
N SER B 43 5.62 -9.70 -9.13
CA SER B 43 6.74 -9.41 -10.05
C SER B 43 7.30 -8.03 -9.72
N GLU B 44 8.52 -7.97 -9.14
CA GLU B 44 9.10 -6.75 -8.55
C GLU B 44 10.27 -6.28 -9.39
N CYS B 45 10.36 -4.98 -9.59
CA CYS B 45 11.53 -4.32 -10.19
C CYS B 45 12.16 -3.45 -9.10
N HIS B 46 13.41 -3.72 -8.75
CA HIS B 46 14.21 -2.93 -7.77
C HIS B 46 15.16 -2.05 -8.55
N TYR B 47 15.05 -0.75 -8.34
CA TYR B 47 15.82 0.28 -9.07
C TYR B 47 16.76 0.96 -8.09
N LEU B 48 18.06 0.92 -8.36
CA LEU B 48 19.07 1.72 -7.62
C LEU B 48 19.75 2.66 -8.64
N ASN B 49 19.78 3.96 -8.35
CA ASN B 49 20.26 5.04 -9.27
C ASN B 49 19.51 4.89 -10.61
N GLY B 50 18.18 4.81 -10.53
CA GLY B 50 17.29 4.59 -11.68
C GLY B 50 17.57 3.27 -12.38
N THR B 51 17.83 3.30 -13.69
CA THR B 51 18.04 2.09 -14.52
C THR B 51 19.49 1.60 -14.43
N GLU B 52 20.39 2.39 -13.82
CA GLU B 52 21.83 2.02 -13.65
C GLU B 52 21.92 0.60 -13.07
N ARG B 53 21.24 0.33 -11.96
CA ARG B 53 21.19 -1.04 -11.38
C ARG B 53 19.73 -1.47 -11.26
N VAL B 54 19.36 -2.56 -11.91
CA VAL B 54 17.95 -3.07 -11.97
C VAL B 54 17.95 -4.54 -11.59
N ARG B 55 17.08 -4.92 -10.68
CA ARG B 55 16.92 -6.33 -10.26
C ARG B 55 15.45 -6.72 -10.44
N TYR B 56 15.24 -7.83 -11.14
CA TYR B 56 13.89 -8.41 -11.28
C TYR B 56 13.77 -9.57 -10.29
N LEU B 57 12.73 -9.53 -9.47
CA LEU B 57 12.42 -10.64 -8.55
C LEU B 57 10.97 -11.05 -8.79
N GLN B 58 10.71 -12.32 -9.07
CA GLN B 58 9.31 -12.80 -9.18
C GLN B 58 9.09 -13.77 -8.04
N ARG B 59 8.09 -13.51 -7.21
CA ARG B 59 7.79 -14.31 -6.01
C ARG B 59 6.49 -15.05 -6.23
N TYR B 60 6.45 -16.33 -5.85
CA TYR B 60 5.25 -17.18 -5.95
C TYR B 60 4.83 -17.56 -4.53
N ILE B 61 3.56 -17.27 -4.21
CA ILE B 61 3.06 -17.44 -2.82
C ILE B 61 1.85 -18.36 -2.78
N TYR B 62 1.84 -19.26 -1.82
CA TYR B 62 0.65 -20.09 -1.59
C TYR B 62 0.25 -19.81 -0.14
N ASN B 63 -1.01 -19.45 0.08
CA ASN B 63 -1.50 -19.08 1.43
C ASN B 63 -0.58 -18.00 2.00
N ARG B 64 0.00 -18.26 3.15
CA ARG B 64 0.82 -17.20 3.78
C ARG B 64 2.32 -17.49 3.61
N GLN B 65 2.70 -18.32 2.62
CA GLN B 65 4.14 -18.66 2.45
C GLN B 65 4.65 -18.54 1.00
N GLN B 66 5.82 -17.94 0.83
CA GLN B 66 6.46 -17.93 -0.52
C GLN B 66 7.07 -19.31 -0.75
N TYR B 67 6.75 -19.95 -1.86
CA TYR B 67 7.26 -21.31 -2.15
C TYR B 67 8.42 -21.24 -3.16
N ALA B 68 8.51 -20.13 -3.89
CA ALA B 68 9.60 -19.99 -4.87
C ALA B 68 9.79 -18.58 -5.37
N HIS B 69 10.99 -18.25 -5.84
CA HIS B 69 11.20 -16.97 -6.55
C HIS B 69 12.22 -17.13 -7.65
N PHE B 70 12.22 -16.16 -8.55
CA PHE B 70 13.30 -15.98 -9.55
C PHE B 70 13.96 -14.65 -9.22
N ASP B 71 15.28 -14.60 -9.15
CA ASP B 71 16.03 -13.33 -8.98
C ASP B 71 16.92 -13.19 -10.20
N SER B 72 16.90 -12.05 -10.87
CA SER B 72 17.68 -11.82 -12.12
C SER B 72 19.18 -11.85 -11.82
N ASP B 73 19.61 -11.49 -10.60
CA ASP B 73 21.04 -11.55 -10.18
C ASP B 73 21.52 -13.00 -10.09
N VAL B 74 20.63 -13.93 -9.74
CA VAL B 74 20.91 -15.39 -9.63
C VAL B 74 20.77 -16.05 -11.01
N GLY B 75 19.71 -15.77 -11.76
CA GLY B 75 19.43 -16.33 -13.11
C GLY B 75 18.66 -17.64 -13.10
N LYS B 76 18.16 -18.05 -11.93
CA LYS B 76 17.44 -19.33 -11.79
C LYS B 76 16.35 -19.16 -10.72
N PHE B 77 15.41 -20.08 -10.71
CA PHE B 77 14.42 -20.24 -9.64
C PHE B 77 15.08 -20.86 -8.41
N VAL B 78 14.67 -20.39 -7.25
CA VAL B 78 15.12 -20.84 -5.91
C VAL B 78 13.87 -21.23 -5.13
N ALA B 79 13.83 -22.45 -4.61
CA ALA B 79 12.78 -22.96 -3.70
C ALA B 79 12.93 -22.28 -2.33
N ASP B 80 11.84 -21.76 -1.79
CA ASP B 80 11.81 -21.02 -0.51
C ASP B 80 11.17 -21.93 0.52
N SER B 81 10.57 -23.03 0.09
CA SER B 81 9.89 -24.01 0.96
C SER B 81 9.97 -25.37 0.29
N PRO B 82 9.66 -26.48 1.00
CA PRO B 82 9.57 -27.80 0.39
C PRO B 82 8.51 -27.87 -0.72
N LEU B 83 7.43 -27.13 -0.54
CA LEU B 83 6.31 -27.09 -1.52
C LEU B 83 6.83 -26.61 -2.88
N GLY B 84 7.73 -25.62 -2.88
CA GLY B 84 8.27 -25.04 -4.13
C GLY B 84 9.46 -25.81 -4.68
N GLU B 85 10.04 -26.72 -3.89
CA GLU B 85 11.24 -27.49 -4.30
C GLU B 85 10.97 -28.17 -5.65
N PRO B 86 9.91 -29.00 -5.79
CA PRO B 86 9.59 -29.58 -7.09
C PRO B 86 9.47 -28.58 -8.26
N GLN B 87 8.88 -27.41 -7.98
CA GLN B 87 8.57 -26.37 -9.00
C GLN B 87 9.85 -25.68 -9.44
N ALA B 88 10.75 -25.35 -8.50
CA ALA B 88 12.03 -24.69 -8.84
C ALA B 88 12.81 -25.58 -9.82
N GLU B 89 12.92 -26.87 -9.51
CA GLU B 89 13.64 -27.87 -10.33
C GLU B 89 12.92 -28.05 -11.67
N TYR B 90 11.60 -28.19 -11.67
CA TYR B 90 10.82 -28.29 -12.93
C TYR B 90 11.09 -27.06 -13.80
N TRP B 91 11.08 -25.85 -13.25
CA TRP B 91 11.24 -24.61 -14.06
C TRP B 91 12.70 -24.47 -14.44
N ASN B 92 13.60 -24.82 -13.52
CA ASN B 92 15.07 -24.73 -13.72
C ASN B 92 15.53 -25.70 -14.81
N SER B 93 14.79 -26.78 -15.10
CA SER B 93 15.15 -27.74 -16.18
C SER B 93 14.81 -27.20 -17.58
N ASN B 94 14.26 -25.99 -17.70
CA ASN B 94 13.79 -25.44 -19.00
C ASN B 94 14.54 -24.13 -19.29
N ALA B 95 15.56 -24.18 -20.17
CA ALA B 95 16.50 -23.05 -20.41
C ALA B 95 15.80 -21.88 -21.10
N GLU B 96 14.84 -22.15 -21.98
CA GLU B 96 14.02 -21.13 -22.71
C GLU B 96 13.18 -20.33 -21.68
N LEU B 97 12.57 -21.05 -20.73
CA LEU B 97 11.77 -20.48 -19.62
C LEU B 97 12.69 -19.54 -18.84
N LEU B 98 13.92 -19.98 -18.51
CA LEU B 98 14.91 -19.15 -17.76
C LEU B 98 15.37 -17.96 -18.58
N GLU B 99 15.59 -18.13 -19.90
CA GLU B 99 15.91 -16.99 -20.79
C GLU B 99 14.79 -15.94 -20.74
N ASN B 100 13.53 -16.38 -20.83
CA ASN B 100 12.31 -15.53 -20.74
C ASN B 100 12.38 -14.68 -19.45
N ARG B 101 12.52 -15.30 -18.28
CA ARG B 101 12.56 -14.55 -17.00
C ARG B 101 13.70 -13.53 -16.99
N MET B 102 14.88 -13.86 -17.51
CA MET B 102 16.06 -12.96 -17.47
C MET B 102 15.79 -11.73 -18.32
N ASN B 103 14.97 -11.87 -19.37
CA ASN B 103 14.59 -10.77 -20.29
C ASN B 103 13.65 -9.79 -19.58
N GLU B 104 12.93 -10.22 -18.54
CA GLU B 104 11.97 -9.34 -17.82
C GLU B 104 12.69 -8.07 -17.33
N VAL B 105 13.99 -8.13 -17.09
CA VAL B 105 14.75 -6.96 -16.54
C VAL B 105 14.59 -5.82 -17.53
N ASP B 106 14.66 -6.12 -18.82
CA ASP B 106 14.56 -5.10 -19.90
C ASP B 106 13.08 -4.81 -20.25
N ARG B 107 12.28 -5.81 -20.65
CA ARG B 107 10.96 -5.57 -21.30
C ARG B 107 9.89 -5.25 -20.23
N PHE B 108 10.18 -5.58 -18.98
CA PHE B 108 9.25 -5.25 -17.87
C PHE B 108 9.84 -4.11 -17.04
N CYS B 109 10.94 -4.38 -16.33
CA CYS B 109 11.46 -3.36 -15.37
C CYS B 109 11.95 -2.06 -16.03
N ARG B 110 12.81 -2.17 -17.02
CA ARG B 110 13.37 -0.94 -17.64
C ARG B 110 12.29 -0.18 -18.41
N HIS B 111 11.47 -0.89 -19.17
CA HIS B 111 10.38 -0.25 -19.96
C HIS B 111 9.45 0.54 -19.03
N ASN B 112 8.98 -0.14 -17.99
CA ASN B 112 8.02 0.48 -17.04
C ASN B 112 8.65 1.67 -16.30
N TYR B 113 9.95 1.59 -15.98
CA TYR B 113 10.59 2.73 -15.29
C TYR B 113 10.54 3.96 -16.19
N GLY B 114 10.87 3.78 -17.46
CA GLY B 114 10.81 4.89 -18.42
C GLY B 114 9.38 5.41 -18.56
N GLY B 115 8.42 4.49 -18.52
CA GLY B 115 7.00 4.88 -18.66
C GLY B 115 6.42 5.67 -17.49
N VAL B 116 6.88 5.46 -16.25
CA VAL B 116 6.22 6.10 -15.08
C VAL B 116 7.15 7.00 -14.25
N GLU B 117 8.42 7.14 -14.60
CA GLU B 117 9.38 7.90 -13.74
C GLU B 117 8.91 9.35 -13.59
N SER B 118 8.33 9.93 -14.64
CA SER B 118 7.91 11.35 -14.64
C SER B 118 6.88 11.65 -13.56
N PHE B 119 6.03 10.69 -13.21
CA PHE B 119 4.94 10.96 -12.25
C PHE B 119 5.07 10.10 -10.98
N THR B 120 6.18 9.40 -10.82
CA THR B 120 6.43 8.58 -9.60
C THR B 120 7.74 9.03 -8.94
N VAL B 121 8.86 8.74 -9.61
CA VAL B 121 10.18 9.17 -9.08
C VAL B 121 10.17 10.70 -9.04
N GLN B 122 9.54 11.33 -10.00
CA GLN B 122 9.59 12.81 -10.07
C GLN B 122 8.31 13.44 -9.50
N ARG B 123 7.45 12.62 -8.89
CA ARG B 123 6.23 13.18 -8.24
C ARG B 123 6.68 14.06 -7.07
N SER B 124 6.07 15.23 -6.95
CA SER B 124 6.42 16.26 -5.95
C SER B 124 5.14 16.95 -5.46
N VAL B 125 4.78 16.81 -4.19
CA VAL B 125 3.57 17.47 -3.64
C VAL B 125 3.97 18.14 -2.32
N GLU B 126 3.71 19.43 -2.24
CA GLU B 126 4.22 20.31 -1.16
C GLU B 126 3.51 20.01 0.14
N PRO B 127 4.25 20.01 1.25
CA PRO B 127 3.64 19.85 2.56
C PRO B 127 2.88 21.12 2.97
N LYS B 128 1.76 20.94 3.68
CA LYS B 128 1.09 22.02 4.42
C LYS B 128 1.52 21.90 5.89
N VAL B 129 1.89 23.02 6.52
CA VAL B 129 2.45 23.05 7.90
C VAL B 129 1.53 23.88 8.79
N ARG B 130 1.07 23.29 9.88
CA ARG B 130 0.25 23.96 10.93
C ARG B 130 0.91 23.79 12.29
N VAL B 131 1.03 24.89 13.05
CA VAL B 131 1.57 24.90 14.44
C VAL B 131 0.44 25.30 15.39
N SER B 132 0.21 24.51 16.44
CA SER B 132 -0.91 24.59 17.40
C SER B 132 -0.36 24.46 18.83
N ALA B 133 -1.08 24.98 19.82
CA ALA B 133 -0.94 24.69 21.27
C ALA B 133 -1.80 23.48 21.61
N LEU B 134 -1.43 22.67 22.62
CA LEU B 134 -2.16 21.42 22.96
C LEU B 134 -2.71 21.40 24.40
N GLN B 135 -2.03 22.05 25.37
CA GLN B 135 -2.35 21.99 26.84
C GLN B 135 -2.36 20.53 27.32
N PRO B 140 -5.60 24.17 32.89
CA PRO B 140 -5.15 24.01 31.50
C PRO B 140 -4.19 25.14 31.04
N GLU B 141 -2.89 24.84 30.97
CA GLU B 141 -1.82 25.74 30.49
C GLU B 141 -1.02 24.99 29.40
N THR B 142 -0.30 25.72 28.54
CA THR B 142 0.51 25.18 27.42
C THR B 142 1.70 24.38 27.99
N ASP B 143 1.84 23.12 27.56
CA ASP B 143 2.98 22.23 27.89
C ASP B 143 3.64 21.71 26.59
N ARG B 144 2.96 21.82 25.44
CA ARG B 144 3.36 21.13 24.17
C ARG B 144 2.96 21.96 22.94
N LEU B 145 3.88 22.10 21.97
CA LEU B 145 3.56 22.67 20.62
C LEU B 145 3.59 21.55 19.58
N ALA B 146 2.49 21.39 18.85
CA ALA B 146 2.32 20.43 17.73
C ALA B 146 2.64 21.12 16.41
N CYS B 147 3.52 20.50 15.63
CA CYS B 147 3.77 20.83 14.23
C CYS B 147 3.19 19.71 13.36
N TYR B 148 2.01 19.94 12.79
N TYR B 148 2.08 19.98 12.70
CA TYR B 148 1.28 19.04 11.86
CA TYR B 148 1.33 19.01 11.87
C TYR B 148 1.73 19.35 10.43
C TYR B 148 1.66 19.32 10.40
N VAL B 149 2.30 18.35 9.73
CA VAL B 149 2.77 18.49 8.33
C VAL B 149 2.04 17.44 7.49
N THR B 150 1.28 17.87 6.47
CA THR B 150 0.26 17.05 5.78
C THR B 150 0.43 17.17 4.28
N GLY B 151 -0.05 16.17 3.52
CA GLY B 151 -0.32 16.33 2.08
C GLY B 151 0.93 16.17 1.21
N PHE B 152 2.05 15.68 1.73
CA PHE B 152 3.35 15.68 1.00
C PHE B 152 3.67 14.35 0.33
N TYR B 153 4.54 14.45 -0.65
CA TYR B 153 5.11 13.32 -1.42
C TYR B 153 6.40 13.87 -2.04
N PRO B 154 7.55 13.17 -2.00
CA PRO B 154 7.70 11.85 -1.39
C PRO B 154 7.71 11.87 0.13
N PRO B 155 7.70 10.69 0.76
CA PRO B 155 7.58 10.61 2.21
C PRO B 155 8.77 11.10 3.03
N GLU B 156 9.96 11.19 2.43
CA GLU B 156 11.20 11.67 3.07
C GLU B 156 11.02 13.16 3.37
N ILE B 157 11.26 13.56 4.61
CA ILE B 157 10.98 14.96 5.08
C ILE B 157 11.80 15.22 6.34
N GLU B 158 12.19 16.48 6.55
CA GLU B 158 12.87 16.90 7.81
C GLU B 158 12.00 17.94 8.48
N VAL B 159 11.58 17.64 9.70
CA VAL B 159 10.74 18.56 10.49
C VAL B 159 11.49 18.83 11.77
N LYS B 160 11.94 20.08 11.98
CA LYS B 160 12.75 20.49 13.14
C LYS B 160 12.06 21.64 13.89
N TRP B 161 12.14 21.60 15.21
CA TRP B 161 11.71 22.66 16.14
C TRP B 161 12.92 23.51 16.55
N PHE B 162 12.78 24.83 16.46
CA PHE B 162 13.79 25.83 16.90
C PHE B 162 13.18 26.65 18.04
N LEU B 163 13.90 26.84 19.15
CA LEU B 163 13.54 27.81 20.20
C LEU B 163 14.60 28.92 20.16
N ASN B 164 14.18 30.15 19.85
CA ASN B 164 15.04 31.35 19.67
C ASN B 164 16.23 31.01 18.77
N GLY B 165 15.99 30.35 17.62
CA GLY B 165 17.02 30.07 16.60
C GLY B 165 17.93 28.89 16.96
N ARG B 166 17.64 28.19 18.05
CA ARG B 166 18.42 27.00 18.50
C ARG B 166 17.57 25.74 18.30
N GLU B 167 18.05 24.78 17.51
CA GLU B 167 17.35 23.48 17.32
C GLU B 167 17.15 22.82 18.69
N GLU B 168 15.90 22.52 19.02
CA GLU B 168 15.52 21.64 20.16
C GLU B 168 15.52 20.20 19.65
N THR B 169 15.85 19.25 20.54
CA THR B 169 15.87 17.79 20.27
C THR B 169 15.29 17.07 21.50
N GLU B 170 15.79 17.45 22.69
CA GLU B 170 15.48 16.86 24.02
C GLU B 170 13.98 16.61 24.18
N ARG B 171 13.16 17.66 24.09
CA ARG B 171 11.70 17.56 24.42
C ARG B 171 10.89 17.31 23.13
N VAL B 172 11.54 16.93 22.01
CA VAL B 172 10.87 16.70 20.69
C VAL B 172 10.42 15.23 20.57
N VAL B 173 9.12 15.01 20.34
CA VAL B 173 8.51 13.66 20.07
C VAL B 173 7.92 13.65 18.65
N SER B 174 8.38 12.77 17.78
CA SER B 174 7.89 12.63 16.39
C SER B 174 7.15 11.29 16.22
N THR B 175 5.92 11.29 15.74
CA THR B 175 5.25 10.09 15.15
C THR B 175 6.05 9.65 13.92
N ASP B 176 5.96 8.39 13.54
CA ASP B 176 6.38 7.92 12.19
C ASP B 176 5.62 8.75 11.13
N VAL B 177 6.25 8.97 9.98
CA VAL B 177 5.57 9.45 8.74
C VAL B 177 4.47 8.44 8.40
N MET B 178 3.23 8.89 8.27
CA MET B 178 2.06 8.02 8.09
C MET B 178 1.66 8.05 6.61
N GLN B 179 1.33 6.89 6.06
CA GLN B 179 0.79 6.75 4.69
C GLN B 179 -0.71 7.08 4.70
N ASN B 180 -1.13 8.06 3.91
CA ASN B 180 -2.58 8.37 3.73
C ASN B 180 -3.20 7.38 2.73
N GLY B 181 -2.37 6.74 1.89
CA GLY B 181 -2.81 5.73 0.90
C GLY B 181 -3.22 6.31 -0.44
N ASP B 182 -3.17 7.65 -0.58
CA ASP B 182 -3.62 8.37 -1.77
C ASP B 182 -2.43 9.09 -2.39
N TRP B 183 -1.22 8.56 -2.19
CA TRP B 183 0.07 9.14 -2.65
C TRP B 183 0.38 10.45 -1.92
N THR B 184 -0.05 10.55 -0.67
CA THR B 184 0.35 11.62 0.26
C THR B 184 0.66 11.02 1.62
N TYR B 185 1.42 11.78 2.39
CA TYR B 185 1.98 11.35 3.68
C TYR B 185 1.80 12.50 4.68
N GLN B 186 1.78 12.16 5.95
CA GLN B 186 1.69 13.20 7.00
C GLN B 186 2.57 12.81 8.18
N VAL B 187 2.90 13.81 9.02
CA VAL B 187 3.71 13.52 10.23
C VAL B 187 3.34 14.59 11.26
N LEU B 188 3.48 14.24 12.54
CA LEU B 188 3.21 15.14 13.68
C LEU B 188 4.45 15.20 14.55
N VAL B 189 4.98 16.41 14.82
CA VAL B 189 6.19 16.59 15.67
C VAL B 189 5.80 17.49 16.85
N VAL B 190 5.77 16.95 18.08
CA VAL B 190 5.34 17.66 19.33
C VAL B 190 6.59 18.11 20.11
N LEU B 191 6.63 19.40 20.49
CA LEU B 191 7.67 19.98 21.36
C LEU B 191 7.08 20.19 22.77
N GLU B 192 7.63 19.51 23.78
CA GLU B 192 7.34 19.77 25.23
C GLU B 192 8.14 21.02 25.62
N THR B 193 7.47 22.06 26.15
CA THR B 193 8.12 23.36 26.45
C THR B 193 7.22 24.18 27.37
N VAL B 194 7.83 25.12 28.11
CA VAL B 194 7.16 26.08 29.07
C VAL B 194 7.83 27.44 28.94
N GLY B 198 10.55 36.09 26.17
CA GLY B 198 10.96 36.56 24.85
C GLY B 198 11.04 35.43 23.83
N ASP B 199 10.37 34.31 24.12
CA ASP B 199 10.57 33.00 23.45
C ASP B 199 9.92 32.98 22.07
N SER B 200 10.70 32.67 21.03
CA SER B 200 10.26 32.58 19.61
C SER B 200 10.46 31.15 19.10
N TYR B 201 9.37 30.36 19.01
CA TYR B 201 9.35 28.96 18.50
C TYR B 201 9.02 28.92 17.01
N VAL B 202 9.85 28.23 16.22
CA VAL B 202 9.69 27.99 14.76
C VAL B 202 9.70 26.48 14.48
N CYS B 203 8.70 25.96 13.74
CA CYS B 203 8.77 24.62 13.09
C CYS B 203 9.30 24.81 11.66
N ARG B 204 10.45 24.24 11.38
CA ARG B 204 11.15 24.34 10.08
C ARG B 204 11.00 23.01 9.32
N VAL B 205 10.57 23.06 8.07
CA VAL B 205 10.22 21.87 7.24
C VAL B 205 11.03 21.97 5.96
N GLU B 206 11.86 20.97 5.71
CA GLU B 206 12.63 20.81 4.45
C GLU B 206 12.05 19.62 3.71
N HIS B 207 11.80 19.78 2.42
CA HIS B 207 11.15 18.73 1.59
C HIS B 207 11.58 18.95 0.15
N ALA B 208 11.65 17.89 -0.62
CA ALA B 208 12.08 17.90 -2.03
C ALA B 208 11.14 18.75 -2.90
N SER B 209 9.87 18.97 -2.51
CA SER B 209 8.91 19.77 -3.32
C SER B 209 9.21 21.28 -3.21
N LEU B 210 10.03 21.68 -2.23
CA LEU B 210 10.22 23.08 -1.80
C LEU B 210 11.61 23.55 -2.27
N ARG B 211 11.69 24.68 -2.95
CA ARG B 211 12.98 25.38 -3.26
C ARG B 211 13.59 25.87 -1.95
N GLN B 212 12.76 26.38 -1.04
CA GLN B 212 13.15 26.94 0.28
C GLN B 212 12.40 26.22 1.39
N PRO B 213 13.07 25.93 2.52
CA PRO B 213 12.38 25.35 3.67
C PRO B 213 11.24 26.26 4.09
N ILE B 214 10.20 25.68 4.71
CA ILE B 214 9.06 26.41 5.33
C ILE B 214 9.42 26.66 6.80
N SER B 215 9.40 27.90 7.27
CA SER B 215 9.55 28.26 8.70
C SER B 215 8.19 28.73 9.23
N GLN B 216 7.49 27.89 9.99
CA GLN B 216 6.18 28.22 10.57
C GLN B 216 6.41 28.70 12.00
N ALA B 217 6.27 30.01 12.24
CA ALA B 217 6.56 30.66 13.54
C ALA B 217 5.35 30.50 14.47
N TRP B 218 5.56 30.78 15.76
CA TRP B 218 4.54 30.74 16.83
C TRP B 218 5.05 31.54 18.04
C1 PEG C . 13.78 -4.93 -24.60
O1 PEG C . 13.09 -3.78 -24.16
C2 PEG C . 12.89 -6.14 -24.64
O2 PEG C . 13.38 -7.15 -23.75
C3 PEG C . 14.37 -7.97 -24.35
C4 PEG C . 15.11 -8.76 -23.30
O4 PEG C . 16.47 -8.36 -23.13
#